data_9UFQ
#
_entry.id   9UFQ
#
_cell.length_a   45.193
_cell.length_b   57.791
_cell.length_c   131.158
_cell.angle_alpha   90.00
_cell.angle_beta   90.00
_cell.angle_gamma   90.00
#
_symmetry.space_group_name_H-M   'P 2 21 21'
#
loop_
_entity.id
_entity.type
_entity.pdbx_description
1 polymer asparaginase
2 non-polymer GLYCINE
3 water water
#
_entity_poly.entity_id   1
_entity_poly.type   'polypeptide(L)'
_entity_poly.pdbx_seq_one_letter_code
;MKKLLIIGTGGTIASAKTEQGYKSVLKIDEILKLAKIKLENGYKIDSTNIMNIDSTLIHPEDWEIIAKEVFKALDDYDGI
IITHGTDTLAYTASMLSFMIKNPNKPIVLTGSMLPITENGSDAPRNIRTAIKFAMEDVAGVFVAFMDKIMLGCRTSKVRT
LGLNAFMSINYPDVAYVKGEKILYNIPKEKFQPNGSPELDTKYEPRVVVLRVTPGLGGEIIDAVLDAGYKGIVLEGYGAG
GLPYRKSNLLSKIKEITPKIPVIMTTQALYDGVDMRKYEVGRKALETGIIPAKDMTKEATITKLMWALGHTKDVEKIREI
MHTNYVNEIKS
;
_entity_poly.pdbx_strand_id   A
#
# COMPACT_ATOMS: atom_id res chain seq x y z
N MET A 1 17.52 9.28 24.56
CA MET A 1 16.94 10.23 23.59
C MET A 1 15.74 9.51 22.95
N LYS A 2 15.85 8.88 21.77
CA LYS A 2 14.64 8.41 21.01
C LYS A 2 14.25 6.98 21.38
N LYS A 3 12.94 6.73 21.31
CA LYS A 3 12.32 5.39 21.50
CA LYS A 3 12.31 5.38 21.52
C LYS A 3 11.72 4.95 20.17
N LEU A 4 12.12 3.78 19.69
CA LEU A 4 11.53 3.18 18.46
C LEU A 4 10.88 1.84 18.81
N LEU A 5 9.75 1.55 18.16
CA LEU A 5 9.05 0.26 18.21
C LEU A 5 9.23 -0.42 16.86
N ILE A 6 9.80 -1.63 16.85
CA ILE A 6 9.83 -2.49 15.63
C ILE A 6 8.76 -3.59 15.80
N ILE A 7 7.81 -3.62 14.86
CA ILE A 7 6.65 -4.55 14.85
C ILE A 7 6.91 -5.63 13.79
N GLY A 8 7.03 -6.89 14.19
CA GLY A 8 7.15 -8.04 13.26
C GLY A 8 5.78 -8.54 12.82
N THR A 9 5.65 -8.95 11.55
CA THR A 9 4.39 -9.48 10.95
C THR A 9 4.63 -10.78 10.17
N GLY A 10 5.85 -11.30 10.14
CA GLY A 10 6.25 -12.38 9.23
C GLY A 10 6.82 -11.84 7.93
N GLY A 11 6.64 -12.58 6.84
CA GLY A 11 7.23 -12.24 5.53
C GLY A 11 8.54 -12.96 5.25
N THR A 12 9.09 -12.71 4.08
CA THR A 12 10.43 -13.20 3.66
C THR A 12 11.48 -12.77 4.68
N ILE A 13 11.38 -11.56 5.21
CA ILE A 13 12.35 -11.02 6.21
C ILE A 13 12.37 -11.90 7.48
N ALA A 14 11.25 -12.56 7.79
CA ALA A 14 11.08 -13.50 8.93
C ALA A 14 11.28 -14.96 8.50
N SER A 15 11.73 -15.23 7.26
CA SER A 15 11.70 -16.60 6.72
C SER A 15 13.10 -17.23 6.78
N ALA A 16 13.13 -18.53 6.62
CA ALA A 16 14.38 -19.32 6.39
C ALA A 16 14.08 -20.38 5.34
N LYS A 17 15.08 -20.76 4.56
CA LYS A 17 14.97 -21.89 3.61
C LYS A 17 14.85 -23.15 4.48
N THR A 18 13.80 -23.95 4.24
CA THR A 18 13.61 -25.30 4.81
C THR A 18 13.57 -26.29 3.65
N GLU A 19 13.42 -27.58 3.98
CA GLU A 19 13.15 -28.66 2.98
C GLU A 19 11.79 -28.42 2.31
N GLN A 20 10.82 -27.76 2.98
CA GLN A 20 9.48 -27.38 2.44
C GLN A 20 9.53 -26.06 1.64
N GLY A 21 10.72 -25.48 1.37
CA GLY A 21 10.92 -24.15 0.76
C GLY A 21 10.93 -23.04 1.82
N TYR A 22 11.00 -21.78 1.40
CA TYR A 22 10.98 -20.65 2.37
C TYR A 22 9.70 -20.75 3.22
N LYS A 23 9.86 -20.57 4.53
CA LYS A 23 8.79 -20.63 5.57
C LYS A 23 9.04 -19.49 6.56
N SER A 24 8.02 -18.72 6.91
CA SER A 24 8.05 -17.66 7.94
C SER A 24 8.23 -18.30 9.32
N VAL A 25 9.40 -18.14 9.95
CA VAL A 25 9.76 -18.87 11.22
C VAL A 25 10.28 -17.92 12.30
N LEU A 26 10.72 -16.71 11.98
CA LEU A 26 11.48 -15.84 12.92
C LEU A 26 10.52 -14.84 13.54
N LYS A 27 10.58 -14.72 14.86
CA LYS A 27 10.01 -13.57 15.58
C LYS A 27 10.98 -12.40 15.42
N ILE A 28 10.48 -11.20 15.69
CA ILE A 28 11.25 -9.94 15.46
C ILE A 28 12.57 -9.95 16.24
N ASP A 29 12.62 -10.52 17.46
CA ASP A 29 13.87 -10.59 18.28
C ASP A 29 14.93 -11.36 17.49
N GLU A 30 14.55 -12.47 16.85
CA GLU A 30 15.49 -13.31 16.05
CA GLU A 30 15.49 -13.31 16.06
C GLU A 30 15.92 -12.56 14.78
N ILE A 31 14.99 -11.85 14.13
CA ILE A 31 15.30 -11.00 12.93
C ILE A 31 16.41 -10.02 13.32
N LEU A 32 16.19 -9.24 14.39
CA LEU A 32 17.15 -8.21 14.85
C LEU A 32 18.49 -8.86 15.20
N LYS A 33 18.48 -10.02 15.88
CA LYS A 33 19.74 -10.74 16.23
C LYS A 33 20.46 -11.17 14.94
N LEU A 34 19.75 -11.85 14.05
CA LEU A 34 20.35 -12.48 12.84
C LEU A 34 20.81 -11.41 11.86
N ALA A 35 20.12 -10.25 11.77
CA ALA A 35 20.52 -9.14 10.88
C ALA A 35 21.51 -8.22 11.59
N LYS A 36 21.94 -8.55 12.82
CA LYS A 36 23.01 -7.80 13.57
C LYS A 36 22.62 -6.32 13.68
N ILE A 37 21.39 -6.05 14.09
CA ILE A 37 20.82 -4.68 14.20
C ILE A 37 21.23 -4.13 15.58
N LYS A 38 21.81 -2.92 15.60
CA LYS A 38 22.11 -2.20 16.89
C LYS A 38 20.77 -1.77 17.51
N LEU A 39 20.55 -2.11 18.77
CA LEU A 39 19.31 -1.80 19.55
C LEU A 39 19.46 -0.47 20.33
N GLU A 40 20.65 0.18 20.31
CA GLU A 40 20.99 1.46 21.01
C GLU A 40 22.04 2.31 20.28
N ASN A 41 22.16 3.59 20.74
CA ASN A 41 23.15 4.72 20.53
C ASN A 41 22.42 6.03 20.11
N GLY A 42 21.96 6.86 21.08
CA GLY A 42 20.96 7.95 20.86
C GLY A 42 19.52 7.45 20.66
N TYR A 43 19.27 6.16 20.84
CA TYR A 43 17.91 5.57 20.81
C TYR A 43 17.91 4.27 21.60
N LYS A 44 16.72 3.77 21.86
CA LYS A 44 16.43 2.42 22.37
C LYS A 44 15.37 1.82 21.44
N ILE A 45 15.62 0.63 20.90
CA ILE A 45 14.59 -0.12 20.13
C ILE A 45 13.92 -1.09 21.10
N ASP A 46 12.59 -1.03 21.17
CA ASP A 46 11.73 -2.10 21.70
C ASP A 46 11.13 -2.86 20.49
N SER A 47 10.69 -4.10 20.70
CA SER A 47 10.15 -4.93 19.60
C SER A 47 8.91 -5.69 20.06
N THR A 48 8.06 -6.05 19.11
CA THR A 48 6.82 -6.81 19.36
C THR A 48 6.39 -7.49 18.07
N ASN A 49 5.61 -8.56 18.25
CA ASN A 49 5.13 -9.45 17.17
C ASN A 49 3.61 -9.28 17.12
N ILE A 50 3.06 -9.02 15.94
CA ILE A 50 1.59 -9.18 15.71
C ILE A 50 1.34 -10.69 15.68
N MET A 51 0.64 -11.24 16.68
CA MET A 51 0.51 -12.71 16.93
C MET A 51 -0.44 -13.35 15.90
N ASN A 52 -0.14 -14.58 15.48
CA ASN A 52 -1.04 -15.43 14.63
C ASN A 52 -1.29 -14.76 13.26
N ILE A 53 -0.27 -14.10 12.70
CA ILE A 53 -0.31 -13.61 11.29
C ILE A 53 1.02 -13.95 10.61
N ASP A 54 0.96 -14.04 9.28
CA ASP A 54 2.15 -14.08 8.41
C ASP A 54 1.90 -13.21 7.19
N SER A 55 2.59 -12.06 7.11
CA SER A 55 2.36 -11.02 6.07
C SER A 55 2.91 -11.44 4.69
N THR A 56 3.56 -12.60 4.58
CA THR A 56 3.65 -13.36 3.30
C THR A 56 2.25 -13.36 2.66
N LEU A 57 1.22 -13.67 3.46
CA LEU A 57 -0.20 -13.62 3.00
C LEU A 57 -1.01 -12.80 4.01
N ILE A 58 -0.93 -11.48 3.89
CA ILE A 58 -1.71 -10.50 4.72
C ILE A 58 -3.20 -10.69 4.40
N HIS A 59 -4.04 -10.59 5.42
CA HIS A 59 -5.52 -10.58 5.28
CA HIS A 59 -5.52 -10.58 5.28
C HIS A 59 -6.00 -9.18 5.68
N PRO A 60 -7.10 -8.64 5.10
CA PRO A 60 -7.52 -7.30 5.48
C PRO A 60 -7.81 -7.06 6.98
N GLU A 61 -8.33 -8.08 7.67
CA GLU A 61 -8.47 -8.11 9.15
C GLU A 61 -7.13 -7.77 9.82
N ASP A 62 -6.00 -8.23 9.26
CA ASP A 62 -4.67 -7.90 9.81
C ASP A 62 -4.41 -6.39 9.73
N TRP A 63 -4.90 -5.70 8.70
CA TRP A 63 -4.75 -4.23 8.55
C TRP A 63 -5.37 -3.56 9.78
N GLU A 64 -6.58 -3.95 10.16
CA GLU A 64 -7.27 -3.42 11.37
C GLU A 64 -6.45 -3.69 12.62
N ILE A 65 -5.89 -4.88 12.76
CA ILE A 65 -5.08 -5.24 13.95
C ILE A 65 -3.82 -4.36 13.97
N ILE A 66 -3.09 -4.31 12.87
CA ILE A 66 -1.84 -3.53 12.77
C ILE A 66 -2.17 -2.04 13.02
N ALA A 67 -3.22 -1.50 12.40
CA ALA A 67 -3.60 -0.07 12.53
C ALA A 67 -3.83 0.27 14.02
N LYS A 68 -4.54 -0.61 14.75
CA LYS A 68 -4.87 -0.39 16.19
C LYS A 68 -3.60 -0.41 17.04
N GLU A 69 -2.70 -1.36 16.76
CA GLU A 69 -1.41 -1.51 17.48
C GLU A 69 -0.52 -0.28 17.24
N VAL A 70 -0.38 0.13 15.98
CA VAL A 70 0.45 1.29 15.56
C VAL A 70 -0.14 2.55 16.20
N PHE A 71 -1.45 2.71 16.12
CA PHE A 71 -2.14 3.91 16.65
C PHE A 71 -1.86 4.03 18.18
N LYS A 72 -2.00 2.94 18.93
CA LYS A 72 -1.71 2.92 20.41
C LYS A 72 -0.25 3.31 20.69
N ALA A 73 0.69 2.77 19.90
CA ALA A 73 2.15 2.99 20.02
C ALA A 73 2.53 4.45 19.77
N LEU A 74 1.72 5.23 19.03
CA LEU A 74 2.09 6.65 18.70
C LEU A 74 2.39 7.44 19.99
N ASP A 75 1.68 7.18 21.08
CA ASP A 75 1.83 7.85 22.40
C ASP A 75 3.25 7.63 22.93
N ASP A 76 3.78 6.42 22.76
CA ASP A 76 4.95 5.96 23.55
C ASP A 76 6.21 5.90 22.70
N TYR A 77 6.15 6.24 21.39
CA TYR A 77 7.31 6.06 20.48
C TYR A 77 7.54 7.29 19.62
N ASP A 78 8.81 7.58 19.38
CA ASP A 78 9.26 8.66 18.46
C ASP A 78 9.14 8.16 17.00
N GLY A 79 9.24 6.84 16.79
CA GLY A 79 9.16 6.22 15.46
C GLY A 79 8.73 4.78 15.53
N ILE A 80 8.12 4.28 14.46
CA ILE A 80 7.57 2.90 14.41
C ILE A 80 8.02 2.28 13.09
N ILE A 81 8.61 1.10 13.15
CA ILE A 81 9.03 0.27 11.99
C ILE A 81 8.16 -0.99 11.99
N ILE A 82 7.67 -1.37 10.81
CA ILE A 82 6.92 -2.64 10.59
C ILE A 82 7.75 -3.47 9.60
N THR A 83 8.18 -4.66 9.98
CA THR A 83 8.79 -5.63 9.05
C THR A 83 7.63 -6.44 8.47
N HIS A 84 7.64 -6.67 7.16
CA HIS A 84 6.47 -7.21 6.43
C HIS A 84 6.94 -7.92 5.16
N GLY A 85 6.21 -8.94 4.78
CA GLY A 85 6.34 -9.58 3.46
C GLY A 85 6.32 -8.55 2.34
N THR A 86 7.06 -8.75 1.25
CA THR A 86 7.12 -7.75 0.15
C THR A 86 5.87 -7.79 -0.73
N ASP A 87 5.23 -8.95 -0.92
CA ASP A 87 4.16 -9.09 -1.95
C ASP A 87 2.97 -8.18 -1.64
N THR A 88 2.67 -7.89 -0.36
CA THR A 88 1.52 -7.03 0.03
C THR A 88 1.94 -5.86 0.90
N LEU A 89 3.25 -5.66 1.11
CA LEU A 89 3.87 -4.47 1.78
CA LEU A 89 3.81 -4.49 1.84
C LEU A 89 3.11 -3.20 1.33
N ALA A 90 2.97 -3.00 0.03
CA ALA A 90 2.43 -1.73 -0.53
C ALA A 90 0.94 -1.60 -0.18
N TYR A 91 0.22 -2.73 -0.09
CA TYR A 91 -1.22 -2.75 0.28
C TYR A 91 -1.34 -2.34 1.75
N THR A 92 -0.57 -2.95 2.64
CA THR A 92 -0.58 -2.55 4.10
C THR A 92 -0.20 -1.08 4.24
N ALA A 93 0.85 -0.63 3.55
CA ALA A 93 1.34 0.76 3.64
C ALA A 93 0.23 1.72 3.20
N SER A 94 -0.47 1.39 2.11
CA SER A 94 -1.58 2.21 1.55
C SER A 94 -2.78 2.19 2.50
N MET A 95 -3.22 1.03 2.98
CA MET A 95 -4.40 0.94 3.88
C MET A 95 -4.11 1.70 5.19
N LEU A 96 -2.93 1.54 5.80
CA LEU A 96 -2.52 2.31 7.02
C LEU A 96 -2.57 3.81 6.76
N SER A 97 -2.30 4.23 5.52
CA SER A 97 -2.28 5.66 5.12
C SER A 97 -3.71 6.23 5.20
N PHE A 98 -4.75 5.39 5.06
CA PHE A 98 -6.19 5.79 5.15
C PHE A 98 -6.77 5.53 6.56
N MET A 99 -6.30 4.49 7.25
CA MET A 99 -6.84 4.09 8.59
C MET A 99 -6.24 4.97 9.71
N ILE A 100 -4.98 5.43 9.56
CA ILE A 100 -4.32 6.30 10.58
C ILE A 100 -4.18 7.70 9.97
N LYS A 101 -5.12 8.55 10.28
CA LYS A 101 -5.19 9.94 9.78
C LYS A 101 -4.26 10.76 10.65
N ASN A 102 -3.44 11.61 10.03
CA ASN A 102 -2.51 12.54 10.72
C ASN A 102 -1.70 11.84 11.81
N PRO A 103 -0.91 10.80 11.45
N PRO A 103 -0.88 10.79 11.52
CA PRO A 103 0.02 10.20 12.39
CA PRO A 103 -0.20 10.01 12.56
C PRO A 103 0.96 11.38 12.67
C PRO A 103 0.84 10.78 13.42
N ASN A 104 1.40 11.48 13.91
N ASN A 104 1.52 11.76 12.83
CA ASN A 104 2.30 12.58 14.36
CA ASN A 104 2.35 12.78 13.53
C ASN A 104 3.71 12.02 14.50
C ASN A 104 3.69 12.20 14.06
N LYS A 105 4.01 10.91 13.80
CA LYS A 105 5.33 10.25 13.91
C LYS A 105 5.58 9.49 12.61
N PRO A 106 6.85 9.12 12.32
CA PRO A 106 7.11 8.27 11.17
C PRO A 106 6.73 6.81 11.47
N ILE A 107 5.95 6.23 10.55
CA ILE A 107 5.60 4.80 10.46
C ILE A 107 6.29 4.29 9.18
N VAL A 108 7.34 3.47 9.34
CA VAL A 108 8.18 3.01 8.21
C VAL A 108 8.06 1.50 8.04
N LEU A 109 7.52 1.06 6.90
CA LEU A 109 7.42 -0.39 6.54
C LEU A 109 8.65 -0.77 5.69
N THR A 110 9.16 -1.97 5.91
CA THR A 110 10.22 -2.55 5.07
C THR A 110 10.06 -4.07 5.12
N GLY A 111 10.86 -4.73 4.32
CA GLY A 111 10.97 -6.19 4.21
C GLY A 111 12.26 -6.51 3.50
N SER A 112 12.33 -7.69 2.93
CA SER A 112 13.53 -8.11 2.17
C SER A 112 13.09 -9.07 1.08
N MET A 113 13.80 -9.01 -0.05
CA MET A 113 13.62 -9.98 -1.15
C MET A 113 14.33 -11.29 -0.77
N LEU A 114 15.33 -11.26 0.13
CA LEU A 114 16.06 -12.47 0.57
C LEU A 114 15.91 -12.65 2.07
N PRO A 115 15.67 -13.89 2.56
CA PRO A 115 15.85 -14.18 3.98
C PRO A 115 17.23 -13.72 4.48
N ILE A 116 17.30 -13.34 5.75
CA ILE A 116 18.53 -12.89 6.46
C ILE A 116 19.63 -13.94 6.23
N THR A 117 19.28 -15.22 6.31
CA THR A 117 20.22 -16.38 6.31
C THR A 117 20.66 -16.75 4.88
N GLU A 118 20.11 -16.14 3.84
CA GLU A 118 20.62 -16.31 2.45
C GLU A 118 21.76 -15.32 2.18
N ASN A 119 22.77 -15.78 1.41
CA ASN A 119 23.95 -14.96 1.00
C ASN A 119 23.49 -13.67 0.33
N GLY A 120 24.13 -12.54 0.71
CA GLY A 120 23.84 -11.18 0.19
C GLY A 120 22.43 -10.71 0.53
N SER A 121 21.85 -11.14 1.66
CA SER A 121 20.49 -10.70 2.08
C SER A 121 20.44 -9.17 2.15
N ASP A 122 19.36 -8.60 1.62
CA ASP A 122 19.01 -7.18 1.71
C ASP A 122 18.36 -6.88 3.07
N ALA A 123 18.03 -7.85 3.91
CA ALA A 123 17.28 -7.58 5.17
C ALA A 123 18.04 -6.60 6.09
N PRO A 124 19.34 -6.80 6.43
CA PRO A 124 20.02 -5.86 7.31
C PRO A 124 20.00 -4.40 6.80
N ARG A 125 20.31 -4.22 5.50
CA ARG A 125 20.36 -2.89 4.82
CA ARG A 125 20.39 -2.86 4.90
C ARG A 125 18.99 -2.22 5.01
N ASN A 126 17.91 -2.96 4.75
CA ASN A 126 16.56 -2.34 4.70
C ASN A 126 16.12 -1.99 6.12
N ILE A 127 16.34 -2.88 7.08
CA ILE A 127 16.02 -2.57 8.51
C ILE A 127 16.79 -1.30 8.93
N ARG A 128 18.06 -1.21 8.57
CA ARG A 128 18.92 -0.09 9.00
C ARG A 128 18.41 1.22 8.40
N THR A 129 18.02 1.23 7.12
CA THR A 129 17.44 2.39 6.39
C THR A 129 16.14 2.81 7.08
N ALA A 130 15.31 1.83 7.41
CA ALA A 130 14.04 2.08 8.12
C ALA A 130 14.32 2.73 9.48
N ILE A 131 15.27 2.20 10.25
CA ILE A 131 15.64 2.80 11.58
C ILE A 131 16.10 4.23 11.39
N LYS A 132 16.96 4.52 10.42
CA LYS A 132 17.54 5.86 10.18
C LYS A 132 16.39 6.83 9.88
N PHE A 133 15.38 6.42 9.09
CA PHE A 133 14.29 7.33 8.69
C PHE A 133 13.30 7.50 9.84
N ALA A 134 13.05 6.46 10.63
CA ALA A 134 12.14 6.49 11.77
C ALA A 134 12.69 7.44 12.86
N MET A 135 13.99 7.75 12.86
CA MET A 135 14.66 8.71 13.80
C MET A 135 14.54 10.17 13.31
N GLU A 136 14.01 10.40 12.12
CA GLU A 136 13.77 11.76 11.56
C GLU A 136 12.55 12.40 12.19
N ASP A 137 12.64 13.72 12.36
CA ASP A 137 11.53 14.54 12.92
C ASP A 137 10.57 14.77 11.76
N VAL A 138 9.83 13.72 11.39
CA VAL A 138 8.83 13.75 10.30
C VAL A 138 7.59 12.95 10.73
N ALA A 139 6.55 12.96 9.91
CA ALA A 139 5.27 12.27 10.15
C ALA A 139 4.72 11.72 8.82
N GLY A 140 4.12 10.52 8.87
CA GLY A 140 3.52 9.87 7.70
C GLY A 140 3.80 8.38 7.67
N VAL A 141 3.38 7.75 6.59
CA VAL A 141 3.55 6.30 6.34
C VAL A 141 4.50 6.15 5.15
N PHE A 142 5.63 5.52 5.38
CA PHE A 142 6.71 5.40 4.39
C PHE A 142 7.12 3.95 4.22
N VAL A 143 7.77 3.69 3.09
CA VAL A 143 8.41 2.40 2.80
C VAL A 143 9.90 2.69 2.61
N ALA A 144 10.74 1.90 3.28
CA ALA A 144 12.21 1.92 3.13
C ALA A 144 12.58 0.71 2.29
N PHE A 145 13.27 0.90 1.18
CA PHE A 145 13.73 -0.24 0.37
C PHE A 145 14.88 0.22 -0.50
N MET A 146 15.96 -0.54 -0.49
CA MET A 146 17.13 -0.36 -1.38
C MET A 146 17.58 1.11 -1.30
N ASP A 147 17.76 1.61 -0.07
CA ASP A 147 18.30 2.95 0.29
C ASP A 147 17.30 4.08 -0.01
N LYS A 148 16.09 3.77 -0.52
CA LYS A 148 15.06 4.79 -0.84
C LYS A 148 14.02 4.84 0.29
N ILE A 149 13.50 6.04 0.53
CA ILE A 149 12.29 6.25 1.35
C ILE A 149 11.22 6.73 0.41
N MET A 150 10.11 6.01 0.39
CA MET A 150 9.00 6.27 -0.55
C MET A 150 7.73 6.47 0.26
N LEU A 151 6.89 7.36 -0.21
CA LEU A 151 5.54 7.51 0.34
C LEU A 151 4.81 6.17 0.20
N GLY A 152 4.29 5.64 1.30
CA GLY A 152 3.65 4.31 1.36
C GLY A 152 2.52 4.15 0.36
N CYS A 153 1.64 5.14 0.25
CA CYS A 153 0.47 5.12 -0.66
C CYS A 153 0.86 5.32 -2.14
N ARG A 154 2.14 5.47 -2.45
CA ARG A 154 2.68 5.56 -3.83
C ARG A 154 3.60 4.37 -4.19
N THR A 155 3.78 3.36 -3.34
CA THR A 155 4.70 2.22 -3.62
C THR A 155 3.99 1.08 -4.35
N SER A 156 4.70 0.44 -5.28
CA SER A 156 4.29 -0.86 -5.89
C SER A 156 5.54 -1.74 -5.96
N LYS A 157 5.37 -3.02 -5.67
CA LYS A 157 6.40 -4.04 -5.97
C LYS A 157 6.44 -4.30 -7.50
N VAL A 158 7.52 -3.94 -8.17
CA VAL A 158 7.63 -3.98 -9.66
C VAL A 158 8.29 -5.27 -10.15
N ARG A 159 8.93 -6.05 -9.28
CA ARG A 159 9.63 -7.28 -9.71
C ARG A 159 9.65 -8.31 -8.60
N THR A 160 9.92 -9.55 -8.96
CA THR A 160 9.83 -10.70 -8.02
C THR A 160 11.19 -11.20 -7.52
N LEU A 161 12.32 -10.74 -8.07
CA LEU A 161 13.65 -11.28 -7.72
C LEU A 161 14.64 -10.15 -7.41
N GLY A 162 14.74 -9.15 -8.29
CA GLY A 162 15.65 -8.01 -8.14
C GLY A 162 15.50 -7.34 -6.77
N LEU A 163 16.61 -6.94 -6.16
CA LEU A 163 16.60 -6.28 -4.83
C LEU A 163 15.96 -4.90 -4.93
N ASN A 164 16.04 -4.20 -6.05
CA ASN A 164 15.40 -2.88 -6.21
C ASN A 164 13.94 -3.10 -6.60
N ALA A 165 13.15 -3.67 -5.70
CA ALA A 165 11.85 -4.27 -6.03
C ALA A 165 10.69 -3.27 -5.90
N PHE A 166 10.86 -2.15 -5.18
CA PHE A 166 9.80 -1.15 -4.94
C PHE A 166 10.13 0.17 -5.61
N MET A 167 9.09 0.73 -6.22
CA MET A 167 9.19 2.03 -6.92
C MET A 167 8.07 2.93 -6.40
N SER A 168 8.35 4.23 -6.40
CA SER A 168 7.34 5.30 -6.21
C SER A 168 6.68 5.54 -7.57
N ILE A 169 5.36 5.35 -7.67
CA ILE A 169 4.69 5.33 -8.99
C ILE A 169 4.05 6.72 -9.23
N ASN A 170 4.54 7.46 -10.24
CA ASN A 170 3.93 8.78 -10.63
C ASN A 170 4.10 9.80 -9.50
N TYR A 171 5.12 9.68 -8.68
CA TYR A 171 5.32 10.57 -7.52
C TYR A 171 6.81 10.50 -7.21
N PRO A 172 7.45 11.58 -6.73
CA PRO A 172 8.86 11.50 -6.41
C PRO A 172 9.08 10.63 -5.16
N ASP A 173 10.28 10.05 -5.04
CA ASP A 173 10.77 9.51 -3.75
C ASP A 173 10.75 10.63 -2.69
N VAL A 174 10.55 10.25 -1.42
CA VAL A 174 10.66 11.18 -0.26
C VAL A 174 12.14 11.48 -0.02
N ALA A 175 12.98 10.48 0.04
CA ALA A 175 14.40 10.66 0.41
C ALA A 175 15.26 9.49 -0.07
N TYR A 176 16.55 9.71 -0.05
CA TYR A 176 17.59 8.69 -0.26
C TYR A 176 18.52 8.71 0.97
N VAL A 177 18.88 7.54 1.48
CA VAL A 177 19.76 7.36 2.68
C VAL A 177 21.09 6.75 2.21
N LYS A 178 22.21 7.43 2.48
CA LYS A 178 23.62 6.94 2.41
C LYS A 178 24.19 7.03 3.83
N GLY A 179 24.04 5.97 4.62
CA GLY A 179 24.54 5.83 6.00
C GLY A 179 23.79 6.69 7.01
N GLU A 180 24.52 7.58 7.70
CA GLU A 180 23.94 8.63 8.58
C GLU A 180 23.52 9.85 7.74
N LYS A 181 23.65 9.83 6.39
CA LYS A 181 23.21 10.91 5.47
C LYS A 181 21.82 10.64 4.86
N ILE A 182 20.86 11.46 5.22
CA ILE A 182 19.48 11.47 4.64
C ILE A 182 19.40 12.68 3.70
N LEU A 183 19.14 12.42 2.41
CA LEU A 183 18.98 13.44 1.37
C LEU A 183 17.50 13.50 1.00
N TYR A 184 16.82 14.54 1.41
CA TYR A 184 15.37 14.74 1.19
C TYR A 184 15.13 15.13 -0.26
N ASN A 185 14.27 14.37 -0.92
CA ASN A 185 13.94 14.60 -2.34
C ASN A 185 12.68 15.46 -2.38
N ILE A 186 11.76 15.25 -1.45
CA ILE A 186 10.66 16.20 -1.13
C ILE A 186 11.03 16.83 0.21
N PRO A 187 10.89 18.17 0.38
CA PRO A 187 11.38 18.81 1.58
C PRO A 187 10.81 18.23 2.88
N LYS A 188 11.68 18.11 3.88
CA LYS A 188 11.37 17.52 5.21
C LYS A 188 10.21 18.30 5.81
N GLU A 189 10.17 19.61 5.53
CA GLU A 189 9.12 20.60 5.91
C GLU A 189 7.74 20.12 5.48
N LYS A 190 7.62 19.40 4.37
CA LYS A 190 6.29 18.89 3.88
C LYS A 190 5.79 17.64 4.62
N PHE A 191 6.53 17.08 5.58
CA PHE A 191 6.11 15.86 6.35
C PHE A 191 6.07 16.17 7.84
N GLN A 192 5.56 17.34 8.21
CA GLN A 192 5.46 17.75 9.64
C GLN A 192 4.05 17.48 10.14
N PRO A 193 3.87 17.17 11.44
CA PRO A 193 2.54 16.99 12.02
C PRO A 193 1.61 18.18 11.76
N ASN A 194 0.34 17.90 11.44
CA ASN A 194 -0.67 18.91 11.01
C ASN A 194 -2.05 18.36 11.38
N GLY A 195 -2.54 18.67 12.59
CA GLY A 195 -3.79 18.13 13.18
C GLY A 195 -3.52 16.87 13.97
N SER A 196 -4.50 16.39 14.76
CA SER A 196 -4.35 15.33 15.80
C SER A 196 -4.60 13.93 15.21
N PRO A 197 -3.87 12.86 15.63
CA PRO A 197 -4.07 11.53 15.05
C PRO A 197 -5.50 11.00 15.27
N GLU A 198 -6.06 10.37 14.23
CA GLU A 198 -7.42 9.77 14.24
C GLU A 198 -7.32 8.34 13.68
N LEU A 199 -8.01 7.40 14.31
CA LEU A 199 -8.04 6.01 13.86
C LEU A 199 -9.39 5.73 13.19
N ASP A 200 -9.40 5.24 11.95
CA ASP A 200 -10.65 4.89 11.22
C ASP A 200 -10.41 3.59 10.44
N THR A 201 -10.79 2.45 11.01
CA THR A 201 -10.56 1.07 10.47
C THR A 201 -11.81 0.54 9.73
N LYS A 202 -12.77 1.37 9.38
CA LYS A 202 -13.95 0.92 8.61
C LYS A 202 -13.47 0.53 7.22
N TYR A 203 -13.97 -0.60 6.71
CA TYR A 203 -13.67 -1.01 5.31
C TYR A 203 -14.63 -2.14 4.90
N GLU A 204 -14.84 -2.24 3.60
CA GLU A 204 -15.61 -3.32 2.95
C GLU A 204 -14.59 -4.11 2.15
N PRO A 205 -14.35 -5.40 2.44
CA PRO A 205 -13.33 -6.16 1.72
C PRO A 205 -13.70 -6.67 0.32
N ARG A 206 -14.99 -6.74 -0.05
CA ARG A 206 -15.43 -7.38 -1.32
C ARG A 206 -15.22 -6.43 -2.48
N VAL A 207 -13.94 -6.22 -2.81
CA VAL A 207 -13.51 -5.48 -4.03
C VAL A 207 -12.84 -6.51 -4.92
N VAL A 208 -13.23 -6.57 -6.19
CA VAL A 208 -12.65 -7.54 -7.14
C VAL A 208 -11.92 -6.72 -8.19
N VAL A 209 -10.77 -7.23 -8.58
CA VAL A 209 -9.88 -6.53 -9.54
C VAL A 209 -9.71 -7.42 -10.75
N LEU A 210 -10.13 -6.88 -11.89
CA LEU A 210 -10.09 -7.53 -13.20
C LEU A 210 -9.05 -6.82 -14.08
N ARG A 211 -8.29 -7.61 -14.83
CA ARG A 211 -7.51 -7.10 -15.99
C ARG A 211 -8.46 -6.98 -17.19
N VAL A 212 -8.51 -5.80 -17.82
CA VAL A 212 -9.28 -5.65 -19.10
C VAL A 212 -8.48 -6.35 -20.19
N THR A 213 -9.14 -7.27 -20.86
CA THR A 213 -8.55 -8.05 -21.94
C THR A 213 -9.50 -8.09 -23.12
N PRO A 214 -8.95 -8.26 -24.34
CA PRO A 214 -9.79 -8.35 -25.55
C PRO A 214 -10.79 -9.51 -25.45
N GLY A 215 -12.06 -9.24 -25.74
CA GLY A 215 -13.14 -10.25 -25.68
C GLY A 215 -13.74 -10.39 -24.29
N LEU A 216 -13.21 -9.75 -23.22
CA LEU A 216 -13.83 -9.89 -21.88
C LEU A 216 -15.30 -9.41 -21.95
N GLY A 217 -16.22 -10.31 -21.67
CA GLY A 217 -17.67 -10.05 -21.72
C GLY A 217 -18.24 -9.42 -20.44
N GLY A 218 -19.30 -8.64 -20.63
CA GLY A 218 -20.18 -8.13 -19.55
C GLY A 218 -20.75 -9.23 -18.64
N GLU A 219 -20.77 -10.49 -19.08
CA GLU A 219 -21.17 -11.68 -18.25
CA GLU A 219 -21.21 -11.63 -18.21
C GLU A 219 -20.30 -11.74 -16.98
N ILE A 220 -19.06 -11.28 -17.04
CA ILE A 220 -18.18 -11.34 -15.84
CA ILE A 220 -18.15 -11.31 -15.86
C ILE A 220 -18.70 -10.36 -14.79
N ILE A 221 -19.25 -9.22 -15.22
CA ILE A 221 -19.78 -8.16 -14.34
C ILE A 221 -21.03 -8.74 -13.67
N ASP A 222 -21.92 -9.40 -14.42
CA ASP A 222 -23.10 -10.08 -13.82
C ASP A 222 -22.64 -11.08 -12.76
N ALA A 223 -21.61 -11.87 -13.05
CA ALA A 223 -21.08 -12.94 -12.18
C ALA A 223 -20.60 -12.34 -10.84
N VAL A 224 -19.77 -11.29 -10.87
CA VAL A 224 -19.17 -10.77 -9.60
C VAL A 224 -20.25 -10.08 -8.78
N LEU A 225 -21.23 -9.42 -9.42
CA LEU A 225 -22.31 -8.76 -8.65
C LEU A 225 -23.25 -9.80 -8.07
N ASP A 226 -23.54 -10.89 -8.80
CA ASP A 226 -24.29 -12.05 -8.22
C ASP A 226 -23.46 -12.73 -7.12
N ALA A 227 -22.12 -12.69 -7.14
CA ALA A 227 -21.32 -13.20 -6.00
C ALA A 227 -21.32 -12.18 -4.83
N GLY A 228 -21.95 -11.02 -4.98
CA GLY A 228 -22.23 -10.03 -3.91
C GLY A 228 -21.07 -9.08 -3.68
N TYR A 229 -20.17 -8.95 -4.67
CA TYR A 229 -19.04 -8.00 -4.59
C TYR A 229 -19.59 -6.59 -4.68
N LYS A 230 -18.92 -5.64 -4.03
CA LYS A 230 -19.43 -4.28 -3.74
C LYS A 230 -18.63 -3.23 -4.50
N GLY A 231 -17.44 -3.53 -5.02
CA GLY A 231 -16.68 -2.62 -5.89
C GLY A 231 -15.86 -3.40 -6.91
N ILE A 232 -15.63 -2.79 -8.08
CA ILE A 232 -14.87 -3.41 -9.19
C ILE A 232 -13.75 -2.43 -9.54
N VAL A 233 -12.53 -2.93 -9.60
CA VAL A 233 -11.36 -2.18 -10.16
C VAL A 233 -10.99 -2.87 -11.48
N LEU A 234 -10.87 -2.08 -12.53
CA LEU A 234 -10.44 -2.52 -13.88
C LEU A 234 -9.01 -2.04 -14.11
N GLU A 235 -8.11 -2.99 -14.34
CA GLU A 235 -6.76 -2.72 -14.87
C GLU A 235 -6.92 -2.53 -16.39
N GLY A 236 -7.23 -1.33 -16.79
CA GLY A 236 -7.66 -0.99 -18.16
C GLY A 236 -6.51 -0.51 -19.04
N TYR A 237 -6.92 0.03 -20.18
CA TYR A 237 -6.02 0.50 -21.28
C TYR A 237 -5.68 1.95 -21.03
N GLY A 238 -4.52 2.39 -21.55
CA GLY A 238 -4.11 3.81 -21.49
C GLY A 238 -5.12 4.77 -22.10
N ALA A 239 -5.78 4.40 -23.21
CA ALA A 239 -6.91 5.19 -23.77
C ALA A 239 -8.12 5.26 -22.81
N GLY A 240 -8.22 4.33 -21.85
CA GLY A 240 -9.16 4.39 -20.72
C GLY A 240 -10.55 3.94 -21.10
N GLY A 241 -10.75 3.39 -22.29
CA GLY A 241 -12.08 2.99 -22.78
C GLY A 241 -12.27 1.48 -22.78
N LEU A 242 -13.50 1.07 -23.13
CA LEU A 242 -13.99 -0.33 -23.22
C LEU A 242 -14.82 -0.44 -24.49
N PRO A 243 -14.84 -1.59 -25.18
CA PRO A 243 -15.55 -1.68 -26.47
C PRO A 243 -17.09 -1.70 -26.33
N TYR A 244 -17.75 -0.97 -27.24
CA TYR A 244 -19.19 -1.02 -27.64
C TYR A 244 -19.39 -2.06 -28.76
N ARG A 245 -18.45 -2.17 -29.70
CA ARG A 245 -18.50 -3.09 -30.87
C ARG A 245 -18.15 -4.52 -30.42
N LYS A 246 -18.99 -5.49 -30.81
CA LYS A 246 -18.83 -6.96 -30.54
C LYS A 246 -18.65 -7.20 -29.03
N SER A 247 -19.36 -6.43 -28.21
CA SER A 247 -19.12 -6.42 -26.74
C SER A 247 -20.29 -5.81 -25.99
N ASN A 248 -20.66 -6.46 -24.89
CA ASN A 248 -21.63 -5.93 -23.88
C ASN A 248 -20.88 -5.46 -22.62
N LEU A 249 -19.54 -5.35 -22.60
CA LEU A 249 -18.86 -5.04 -21.32
C LEU A 249 -19.23 -3.63 -20.89
N LEU A 250 -19.06 -2.64 -21.77
CA LEU A 250 -19.36 -1.23 -21.41
C LEU A 250 -20.85 -1.09 -21.09
N SER A 251 -21.75 -1.70 -21.86
CA SER A 251 -23.23 -1.56 -21.65
C SER A 251 -23.63 -2.23 -20.33
N LYS A 252 -23.05 -3.38 -19.99
CA LYS A 252 -23.36 -4.04 -18.70
C LYS A 252 -22.82 -3.23 -17.52
N ILE A 253 -21.68 -2.55 -17.67
CA ILE A 253 -21.13 -1.65 -16.61
C ILE A 253 -22.06 -0.44 -16.48
N LYS A 254 -22.46 0.17 -17.59
CA LYS A 254 -23.34 1.36 -17.52
C LYS A 254 -24.58 1.00 -16.69
N GLU A 255 -25.13 -0.19 -16.84
CA GLU A 255 -26.32 -0.65 -16.05
C GLU A 255 -26.03 -0.60 -14.54
N ILE A 256 -24.80 -0.86 -14.07
CA ILE A 256 -24.54 -1.09 -12.61
C ILE A 256 -23.74 0.05 -11.96
N THR A 257 -23.14 0.99 -12.70
CA THR A 257 -22.46 2.18 -12.12
C THR A 257 -23.37 3.02 -11.23
N PRO A 258 -24.72 3.11 -11.40
CA PRO A 258 -25.57 3.79 -10.43
C PRO A 258 -25.49 3.21 -9.01
N LYS A 259 -25.22 1.91 -8.86
CA LYS A 259 -25.27 1.20 -7.56
C LYS A 259 -23.89 0.64 -7.14
N ILE A 260 -22.94 0.44 -8.07
CA ILE A 260 -21.60 -0.18 -7.78
C ILE A 260 -20.50 0.72 -8.30
N PRO A 261 -19.52 1.12 -7.46
CA PRO A 261 -18.36 1.87 -7.94
C PRO A 261 -17.52 0.99 -8.87
N VAL A 262 -17.31 1.47 -10.09
CA VAL A 262 -16.42 0.78 -11.06
C VAL A 262 -15.26 1.71 -11.33
N ILE A 263 -14.05 1.30 -10.93
CA ILE A 263 -12.88 2.20 -10.94
C ILE A 263 -12.00 1.82 -12.14
N MET A 264 -11.60 2.82 -12.94
CA MET A 264 -10.69 2.57 -14.10
C MET A 264 -9.27 2.96 -13.68
N THR A 265 -8.40 1.97 -13.47
CA THR A 265 -6.94 2.15 -13.36
C THR A 265 -6.32 1.53 -14.62
N THR A 266 -5.01 1.27 -14.59
CA THR A 266 -4.26 0.80 -15.78
C THR A 266 -3.67 -0.57 -15.48
N GLN A 267 -3.59 -1.41 -16.51
CA GLN A 267 -2.72 -2.61 -16.53
C GLN A 267 -1.25 -2.18 -16.70
N ALA A 268 -0.97 -1.06 -17.35
CA ALA A 268 0.39 -0.50 -17.47
C ALA A 268 0.83 0.01 -16.08
N LEU A 269 2.13 0.05 -15.83
CA LEU A 269 2.61 0.43 -14.49
C LEU A 269 2.60 1.95 -14.32
N TYR A 270 3.21 2.71 -15.26
CA TYR A 270 3.52 4.15 -15.11
C TYR A 270 2.60 5.06 -15.93
N ASP A 271 2.32 6.22 -15.33
CA ASP A 271 1.92 7.51 -15.94
C ASP A 271 0.41 7.71 -15.78
N GLY A 272 -0.32 6.71 -15.27
CA GLY A 272 -1.72 6.88 -14.82
C GLY A 272 -2.71 6.76 -15.97
N VAL A 273 -3.99 7.09 -15.70
CA VAL A 273 -5.06 7.08 -16.72
C VAL A 273 -5.60 8.49 -16.89
N ASP A 274 -5.91 8.85 -18.13
CA ASP A 274 -6.52 10.14 -18.53
C ASP A 274 -7.68 9.75 -19.45
N MET A 275 -8.88 9.66 -18.89
CA MET A 275 -10.08 9.22 -19.63
C MET A 275 -10.62 10.35 -20.52
N ARG A 276 -9.99 11.54 -20.55
CA ARG A 276 -10.48 12.68 -21.37
C ARG A 276 -9.77 12.69 -22.73
N LYS A 277 -8.58 12.08 -22.87
CA LYS A 277 -7.74 12.30 -24.07
C LYS A 277 -8.35 11.67 -25.32
N TYR A 278 -8.99 10.51 -25.18
CA TYR A 278 -9.49 9.70 -26.31
C TYR A 278 -11.01 9.73 -26.28
N GLU A 279 -11.64 9.63 -27.44
CA GLU A 279 -13.12 9.52 -27.50
C GLU A 279 -13.54 8.28 -26.71
N VAL A 280 -12.84 7.14 -26.81
CA VAL A 280 -13.21 5.90 -26.09
C VAL A 280 -13.19 6.15 -24.56
N GLY A 281 -12.22 6.91 -24.05
CA GLY A 281 -12.20 7.26 -22.61
C GLY A 281 -13.43 8.08 -22.22
N ARG A 282 -13.79 9.08 -23.04
CA ARG A 282 -14.97 9.95 -22.72
C ARG A 282 -16.23 9.08 -22.68
N LYS A 283 -16.39 8.14 -23.61
CA LYS A 283 -17.53 7.19 -23.63
C LYS A 283 -17.58 6.36 -22.33
N ALA A 284 -16.42 5.92 -21.82
CA ALA A 284 -16.32 5.17 -20.55
C ALA A 284 -16.75 6.08 -19.40
N LEU A 285 -16.22 7.31 -19.36
CA LEU A 285 -16.56 8.32 -18.31
C LEU A 285 -18.07 8.54 -18.29
N GLU A 286 -18.69 8.64 -19.48
CA GLU A 286 -20.13 9.01 -19.56
CA GLU A 286 -20.13 8.97 -19.66
C GLU A 286 -21.00 7.83 -19.06
N THR A 287 -20.44 6.63 -18.84
CA THR A 287 -21.17 5.49 -18.22
C THR A 287 -21.15 5.55 -16.67
N GLY A 288 -20.40 6.48 -16.07
CA GLY A 288 -20.26 6.64 -14.61
C GLY A 288 -19.09 5.85 -14.01
N ILE A 289 -18.19 5.33 -14.85
CA ILE A 289 -16.91 4.72 -14.41
C ILE A 289 -16.07 5.83 -13.75
N ILE A 290 -15.42 5.51 -12.64
CA ILE A 290 -14.63 6.47 -11.82
C ILE A 290 -13.16 6.29 -12.17
N PRO A 291 -12.48 7.31 -12.68
CA PRO A 291 -11.05 7.24 -12.94
C PRO A 291 -10.20 7.19 -11.66
N ALA A 292 -9.18 6.32 -11.65
CA ALA A 292 -8.20 6.22 -10.55
C ALA A 292 -7.08 7.25 -10.77
N LYS A 293 -7.06 7.98 -11.88
CA LYS A 293 -6.03 9.01 -12.22
C LYS A 293 -4.64 8.36 -12.13
N ASP A 294 -3.75 8.90 -11.30
CA ASP A 294 -2.34 8.53 -11.17
C ASP A 294 -2.14 7.57 -10.00
N MET A 295 -3.19 7.02 -9.40
CA MET A 295 -3.03 6.17 -8.18
C MET A 295 -2.43 4.82 -8.56
N THR A 296 -1.65 4.27 -7.64
CA THR A 296 -1.21 2.87 -7.70
C THR A 296 -2.45 1.97 -7.66
N LYS A 297 -2.29 0.74 -8.12
CA LYS A 297 -3.32 -0.31 -7.95
C LYS A 297 -3.50 -0.52 -6.44
N GLU A 298 -2.41 -0.52 -5.67
CA GLU A 298 -2.47 -0.85 -4.24
C GLU A 298 -3.27 0.22 -3.47
N ALA A 299 -3.01 1.50 -3.75
CA ALA A 299 -3.79 2.63 -3.20
C ALA A 299 -5.25 2.58 -3.71
N THR A 300 -5.47 2.36 -5.00
CA THR A 300 -6.84 2.34 -5.55
C THR A 300 -7.65 1.31 -4.79
N ILE A 301 -7.09 0.10 -4.64
CA ILE A 301 -7.84 -1.07 -4.11
C ILE A 301 -8.15 -0.81 -2.63
N THR A 302 -7.13 -0.48 -1.85
CA THR A 302 -7.28 -0.25 -0.40
C THR A 302 -8.19 0.97 -0.19
N LYS A 303 -8.00 2.07 -0.92
CA LYS A 303 -8.86 3.26 -0.79
C LYS A 303 -10.33 2.89 -1.04
N LEU A 304 -10.64 2.14 -2.10
CA LEU A 304 -12.05 1.78 -2.41
C LEU A 304 -12.64 0.91 -1.29
N MET A 305 -11.87 -0.06 -0.79
CA MET A 305 -12.35 -0.92 0.33
C MET A 305 -12.68 0.01 1.50
N TRP A 306 -11.78 0.94 1.82
CA TRP A 306 -11.94 1.89 2.94
C TRP A 306 -13.15 2.80 2.67
N ALA A 307 -13.29 3.32 1.43
CA ALA A 307 -14.40 4.20 0.98
C ALA A 307 -15.73 3.46 1.14
N LEU A 308 -15.78 2.21 0.68
CA LEU A 308 -17.02 1.40 0.79
C LEU A 308 -17.38 1.06 2.26
N GLY A 309 -16.42 1.00 3.19
CA GLY A 309 -16.73 0.90 4.64
C GLY A 309 -17.50 2.12 5.18
N HIS A 310 -17.47 3.25 4.48
CA HIS A 310 -18.08 4.53 4.91
C HIS A 310 -19.45 4.75 4.26
N THR A 311 -19.68 4.30 3.03
CA THR A 311 -20.89 4.67 2.25
C THR A 311 -21.09 3.69 1.08
N LYS A 312 -22.35 3.49 0.67
CA LYS A 312 -22.76 2.66 -0.49
C LYS A 312 -23.18 3.59 -1.64
N ASP A 313 -23.19 4.91 -1.42
CA ASP A 313 -23.59 5.94 -2.41
C ASP A 313 -22.42 6.15 -3.38
N VAL A 314 -22.63 5.90 -4.67
CA VAL A 314 -21.51 5.89 -5.66
C VAL A 314 -21.00 7.32 -5.87
N GLU A 315 -21.85 8.34 -5.84
CA GLU A 315 -21.36 9.75 -5.91
C GLU A 315 -20.43 10.06 -4.72
N LYS A 316 -20.75 9.60 -3.52
CA LYS A 316 -19.91 9.83 -2.30
C LYS A 316 -18.58 9.08 -2.48
N ILE A 317 -18.63 7.83 -2.99
CA ILE A 317 -17.40 7.03 -3.33
C ILE A 317 -16.56 7.79 -4.37
N ARG A 318 -17.17 8.27 -5.47
CA ARG A 318 -16.50 9.12 -6.51
C ARG A 318 -15.78 10.29 -5.83
N GLU A 319 -16.46 11.03 -4.94
CA GLU A 319 -15.83 12.16 -4.20
C GLU A 319 -14.66 11.69 -3.28
N ILE A 320 -14.84 10.60 -2.53
CA ILE A 320 -13.78 10.04 -1.64
C ILE A 320 -12.56 9.69 -2.53
N MET A 321 -12.80 8.95 -3.62
CA MET A 321 -11.69 8.44 -4.47
C MET A 321 -10.87 9.61 -5.05
N HIS A 322 -11.51 10.73 -5.39
CA HIS A 322 -10.85 11.96 -5.96
C HIS A 322 -10.47 12.99 -4.91
N THR A 323 -10.75 12.76 -3.62
CA THR A 323 -10.15 13.55 -2.52
C THR A 323 -8.68 13.12 -2.36
N ASN A 324 -7.75 14.07 -2.42
CA ASN A 324 -6.32 13.78 -2.12
C ASN A 324 -6.15 13.85 -0.60
N TYR A 325 -6.17 12.70 0.09
CA TYR A 325 -6.02 12.59 1.57
C TYR A 325 -4.57 12.76 1.97
N VAL A 326 -3.65 12.02 1.35
CA VAL A 326 -2.24 11.90 1.80
C VAL A 326 -1.27 11.78 0.63
N ASN A 327 -1.56 12.45 -0.49
CA ASN A 327 -0.77 12.46 -1.75
C ASN A 327 -0.73 11.07 -2.40
N GLU A 328 -1.79 10.26 -2.22
CA GLU A 328 -2.06 9.00 -2.98
C GLU A 328 -2.50 9.34 -4.41
N ILE A 329 -3.10 10.51 -4.63
CA ILE A 329 -3.70 10.87 -5.95
C ILE A 329 -3.44 12.35 -6.16
N LYS A 330 -3.31 12.76 -7.42
CA LYS A 330 -3.24 14.20 -7.78
C LYS A 330 -4.59 14.86 -7.42
N SER A 331 -4.56 16.14 -7.07
CA SER A 331 -5.79 16.92 -6.74
C SER A 331 -6.62 17.05 -8.03
N GLY B . 8.31 -11.44 1.45
CA GLY B . 7.14 -12.25 1.76
C GLY B . 6.32 -12.31 0.54
O GLY B . 5.58 -11.36 0.46
OXT GLY B . 6.58 -13.28 -0.22
N GLY C . 9.49 8.75 24.62
CA GLY C . 8.77 8.66 23.33
C GLY C . 7.96 9.89 22.99
O GLY C . 8.48 11.02 22.97
OXT GLY C . 6.75 9.76 22.73
#